data_2JC5
#
_entry.id   2JC5
#
_cell.length_a   38.156
_cell.length_b   79.511
_cell.length_c   41.045
_cell.angle_alpha   90.00
_cell.angle_beta   107.22
_cell.angle_gamma   90.00
#
_symmetry.space_group_name_H-M   'P 1 21 1'
#
loop_
_entity.id
_entity.type
_entity.pdbx_description
1 polymer EXODEOXYRIBONUCLEASE
2 non-polymer 'MAGNESIUM ION'
3 non-polymer BICINE
4 non-polymer GLYCEROL
5 non-polymer '1,4-DIETHYLENE DIOXIDE'
6 water water
#
_entity_poly.entity_id   1
_entity_poly.type   'polypeptide(L)'
_entity_poly.pdbx_seq_one_letter_code
;MLKIISANVNGIRSAYKKGFYEYIAASGADIVCVQELKAQEADLSADMKNPHGMHGHWHCAEKRGYSGVAVYSKRKPDNV
QIGMGIEEFDREGRFVRCDFGRLSVISLYLPSGSSAEERQQVKYRFLDAFYPMLEAMKNEGRDIVVCGDWNIAHQNIDLK
NWKGNQKNSGFLPEEREWIGKVIHKLGWTDMWRTLYPDVPGYTWWSNRGQAYAKDVGWRIDYQMVTPELAAKAVSAHVYK
DEKFSDHAPLVVEYDYAAE
;
_entity_poly.pdbx_strand_id   A
#
# COMPACT_ATOMS: atom_id res chain seq x y z
N MET A 1 1.18 -20.32 6.69
CA MET A 1 1.98 -19.06 6.71
CA MET A 1 1.97 -19.07 6.74
C MET A 1 1.04 -17.88 6.96
N LEU A 2 1.58 -16.78 7.48
CA LEU A 2 0.84 -15.51 7.56
C LEU A 2 0.85 -14.88 6.18
N LYS A 3 -0.32 -14.70 5.59
CA LYS A 3 -0.43 -14.13 4.25
C LYS A 3 -1.00 -12.73 4.38
N ILE A 4 -0.23 -11.75 3.91
CA ILE A 4 -0.62 -10.34 3.95
C ILE A 4 -0.76 -9.84 2.52
N ILE A 5 -1.90 -9.22 2.20
CA ILE A 5 -2.18 -8.71 0.87
C ILE A 5 -2.31 -7.21 0.94
N SER A 6 -1.64 -6.51 0.03
CA SER A 6 -1.79 -5.06 -0.11
C SER A 6 -2.46 -4.80 -1.45
N ALA A 7 -3.56 -4.04 -1.44
CA ALA A 7 -4.27 -3.76 -2.68
C ALA A 7 -4.83 -2.35 -2.67
N ASN A 8 -4.39 -1.56 -3.64
CA ASN A 8 -5.09 -0.32 -3.95
C ASN A 8 -6.26 -0.69 -4.83
N VAL A 9 -7.46 -0.54 -4.25
CA VAL A 9 -8.68 -1.06 -4.87
C VAL A 9 -9.36 -0.11 -5.83
N ASN A 10 -8.83 1.11 -5.97
CA ASN A 10 -9.39 2.08 -6.91
C ASN A 10 -10.90 2.23 -6.72
N GLY A 11 -11.31 2.43 -5.47
CA GLY A 11 -12.70 2.51 -5.11
C GLY A 11 -13.22 1.18 -4.65
N ILE A 12 -13.50 1.04 -3.36
CA ILE A 12 -13.91 -0.25 -2.83
CA ILE A 12 -13.92 -0.25 -2.82
C ILE A 12 -15.27 -0.69 -3.41
N ARG A 13 -16.16 0.26 -3.65
CA ARG A 13 -17.45 -0.10 -4.23
C ARG A 13 -17.25 -0.68 -5.65
N SER A 14 -16.39 -0.05 -6.44
CA SER A 14 -16.04 -0.59 -7.75
C SER A 14 -15.38 -1.96 -7.68
N ALA A 15 -14.44 -2.12 -6.77
CA ALA A 15 -13.69 -3.38 -6.66
C ALA A 15 -14.63 -4.51 -6.27
N TYR A 16 -15.58 -4.22 -5.39
CA TYR A 16 -16.57 -5.22 -5.00
C TYR A 16 -17.48 -5.63 -6.17
N LYS A 17 -17.69 -4.77 -7.15
CA LYS A 17 -18.44 -5.18 -8.36
C LYS A 17 -17.60 -6.09 -9.27
N LYS A 18 -16.30 -6.11 -9.07
CA LYS A 18 -15.36 -6.86 -9.90
C LYS A 18 -14.81 -8.12 -9.24
N GLY A 19 -15.35 -8.49 -8.09
CA GLY A 19 -15.01 -9.76 -7.45
C GLY A 19 -14.04 -9.67 -6.30
N PHE A 20 -13.69 -8.46 -5.88
CA PHE A 20 -12.69 -8.31 -4.84
C PHE A 20 -13.16 -8.91 -3.53
N TYR A 21 -14.45 -8.81 -3.22
CA TYR A 21 -14.96 -9.36 -1.97
C TYR A 21 -14.69 -10.87 -1.88
N GLU A 22 -15.00 -11.59 -2.96
CA GLU A 22 -14.83 -13.02 -2.96
C GLU A 22 -13.36 -13.38 -2.86
N TYR A 23 -12.52 -12.57 -3.50
CA TYR A 23 -11.07 -12.75 -3.45
C TYR A 23 -10.51 -12.61 -2.03
N ILE A 24 -11.05 -11.70 -1.24
CA ILE A 24 -10.55 -11.57 0.12
C ILE A 24 -10.53 -12.94 0.81
N ALA A 25 -11.63 -13.69 0.67
CA ALA A 25 -11.74 -15.04 1.26
C ALA A 25 -10.93 -16.08 0.47
N ALA A 26 -11.09 -16.11 -0.85
CA ALA A 26 -10.46 -17.13 -1.70
C ALA A 26 -8.93 -17.09 -1.64
N SER A 27 -8.41 -15.89 -1.41
CA SER A 27 -6.98 -15.69 -1.36
C SER A 27 -6.34 -16.35 -0.16
N GLY A 28 -7.14 -16.64 0.88
CA GLY A 28 -6.59 -17.17 2.12
C GLY A 28 -5.85 -16.15 2.97
N ALA A 29 -5.98 -14.87 2.62
CA ALA A 29 -5.28 -13.82 3.37
C ALA A 29 -5.69 -13.79 4.84
N ASP A 30 -4.69 -13.62 5.69
CA ASP A 30 -4.90 -13.34 7.10
C ASP A 30 -5.15 -11.85 7.37
N ILE A 31 -4.47 -11.00 6.59
CA ILE A 31 -4.59 -9.55 6.71
C ILE A 31 -4.62 -8.97 5.31
N VAL A 32 -5.56 -8.05 5.08
CA VAL A 32 -5.70 -7.36 3.79
C VAL A 32 -5.66 -5.87 4.07
N CYS A 33 -4.67 -5.20 3.51
CA CYS A 33 -4.55 -3.77 3.60
C CYS A 33 -5.02 -3.21 2.28
N VAL A 34 -6.02 -2.32 2.35
CA VAL A 34 -6.52 -1.72 1.12
CA VAL A 34 -6.63 -1.72 1.16
C VAL A 34 -6.33 -0.21 1.13
N GLN A 35 -6.12 0.32 -0.08
CA GLN A 35 -6.00 1.75 -0.25
C GLN A 35 -6.97 2.24 -1.31
N GLU A 36 -7.31 3.51 -1.16
N GLU A 36 -7.34 3.51 -1.19
CA GLU A 36 -8.26 4.22 -2.00
CA GLU A 36 -8.32 4.16 -2.07
C GLU A 36 -9.68 3.63 -1.97
C GLU A 36 -9.70 3.56 -1.97
N LEU A 37 -10.26 3.68 -0.78
CA LEU A 37 -11.65 3.30 -0.58
C LEU A 37 -12.59 4.11 -1.49
N LYS A 38 -12.27 5.39 -1.68
CA LYS A 38 -13.15 6.35 -2.38
C LYS A 38 -14.54 6.35 -1.75
N ALA A 39 -14.58 6.29 -0.42
CA ALA A 39 -15.83 6.11 0.31
C ALA A 39 -15.61 6.64 1.70
N GLN A 40 -16.64 7.27 2.26
CA GLN A 40 -16.66 7.59 3.68
C GLN A 40 -17.39 6.51 4.44
N GLU A 41 -17.36 6.59 5.77
CA GLU A 41 -17.93 5.51 6.58
C GLU A 41 -19.40 5.26 6.23
N ALA A 42 -20.15 6.34 5.99
CA ALA A 42 -21.56 6.24 5.64
C ALA A 42 -21.82 5.48 4.34
N ASP A 43 -20.81 5.41 3.47
CA ASP A 43 -20.92 4.71 2.19
C ASP A 43 -20.51 3.26 2.23
N LEU A 44 -19.91 2.83 3.33
CA LEU A 44 -19.42 1.46 3.43
C LEU A 44 -20.53 0.53 3.87
N SER A 45 -20.71 -0.55 3.12
CA SER A 45 -21.63 -1.60 3.51
CA SER A 45 -21.61 -1.63 3.49
C SER A 45 -20.97 -2.45 4.60
N ALA A 46 -21.77 -3.28 5.27
CA ALA A 46 -21.25 -4.15 6.31
C ALA A 46 -20.10 -5.01 5.80
N ASP A 47 -20.22 -5.48 4.56
CA ASP A 47 -19.18 -6.33 3.97
CA ASP A 47 -19.20 -6.33 3.92
C ASP A 47 -17.90 -5.58 3.58
N MET A 48 -17.95 -4.25 3.60
CA MET A 48 -16.76 -3.41 3.39
C MET A 48 -16.12 -2.97 4.71
N LYS A 49 -16.83 -3.18 5.82
CA LYS A 49 -16.31 -2.89 7.15
C LYS A 49 -15.74 -4.15 7.78
N ASN A 50 -16.47 -5.26 7.64
CA ASN A 50 -16.11 -6.54 8.24
C ASN A 50 -16.27 -7.67 7.24
N PRO A 51 -15.44 -7.62 6.17
CA PRO A 51 -15.61 -8.61 5.12
C PRO A 51 -15.39 -10.03 5.65
N HIS A 52 -16.37 -10.91 5.40
CA HIS A 52 -16.27 -12.32 5.83
C HIS A 52 -16.07 -12.45 7.34
N GLY A 53 -16.58 -11.47 8.08
CA GLY A 53 -16.44 -11.45 9.53
C GLY A 53 -15.08 -11.04 10.06
N MET A 54 -14.23 -10.54 9.17
CA MET A 54 -12.93 -10.03 9.60
C MET A 54 -13.14 -8.76 10.40
N HIS A 55 -12.18 -8.48 11.26
CA HIS A 55 -12.08 -7.21 11.94
C HIS A 55 -11.62 -6.19 10.91
N GLY A 56 -12.16 -4.98 10.99
CA GLY A 56 -11.82 -3.93 10.03
C GLY A 56 -11.65 -2.60 10.72
N HIS A 57 -10.61 -1.89 10.32
CA HIS A 57 -10.32 -0.56 10.81
C HIS A 57 -9.93 0.30 9.63
N TRP A 58 -10.48 1.50 9.59
CA TRP A 58 -10.30 2.35 8.42
C TRP A 58 -10.11 3.80 8.82
N HIS A 59 -9.51 4.56 7.89
CA HIS A 59 -9.42 6.00 8.01
C HIS A 59 -9.90 6.57 6.69
N CYS A 60 -11.05 7.23 6.73
N CYS A 60 -11.06 7.21 6.70
CA CYS A 60 -11.65 7.82 5.53
CA CYS A 60 -11.62 7.79 5.48
C CYS A 60 -11.30 9.29 5.43
C CYS A 60 -11.35 9.28 5.44
N ALA A 61 -11.44 9.83 4.22
CA ALA A 61 -11.18 11.25 3.97
C ALA A 61 -12.41 12.11 4.26
N GLU A 62 -12.17 13.40 4.50
CA GLU A 62 -13.25 14.37 4.67
C GLU A 62 -13.92 14.70 3.35
N LYS A 63 -13.17 14.69 2.24
CA LYS A 63 -13.74 14.88 0.91
CA LYS A 63 -13.75 14.88 0.91
C LYS A 63 -14.49 13.62 0.47
N ARG A 64 -15.59 13.79 -0.26
CA ARG A 64 -16.37 12.68 -0.78
C ARG A 64 -15.64 11.95 -1.91
N GLY A 65 -15.77 10.63 -1.91
CA GLY A 65 -15.29 9.81 -3.02
C GLY A 65 -13.80 9.84 -3.19
N TYR A 66 -13.06 9.92 -2.08
CA TYR A 66 -11.65 10.24 -2.15
C TYR A 66 -10.85 9.41 -1.17
N SER A 67 -9.76 8.82 -1.66
CA SER A 67 -8.72 8.29 -0.77
C SER A 67 -9.31 7.30 0.25
N GLY A 68 -8.75 7.24 1.46
CA GLY A 68 -9.21 6.29 2.47
C GLY A 68 -8.42 4.99 2.41
N VAL A 69 -8.12 4.46 3.58
CA VAL A 69 -7.43 3.19 3.70
C VAL A 69 -8.09 2.35 4.78
N ALA A 70 -7.83 1.05 4.72
CA ALA A 70 -8.33 0.13 5.73
C ALA A 70 -7.39 -1.06 5.91
N VAL A 71 -7.50 -1.67 7.10
CA VAL A 71 -6.83 -2.93 7.39
C VAL A 71 -7.90 -3.91 7.86
N TYR A 72 -7.98 -5.06 7.19
CA TYR A 72 -8.90 -6.14 7.55
C TYR A 72 -8.09 -7.30 8.04
N SER A 73 -8.54 -7.94 9.11
CA SER A 73 -7.77 -9.02 9.70
C SER A 73 -8.67 -10.09 10.27
N LYS A 74 -8.26 -11.35 10.11
CA LYS A 74 -9.01 -12.42 10.74
C LYS A 74 -9.02 -12.30 12.26
N ARG A 75 -7.87 -11.95 12.83
CA ARG A 75 -7.73 -11.83 14.28
C ARG A 75 -7.96 -10.40 14.73
N LYS A 76 -8.31 -10.23 16.00
CA LYS A 76 -8.64 -8.92 16.54
C LYS A 76 -7.37 -8.19 16.93
N PRO A 77 -7.14 -6.99 16.37
CA PRO A 77 -5.96 -6.29 16.84
C PRO A 77 -6.12 -5.89 18.29
N ASP A 78 -5.02 -5.85 19.01
CA ASP A 78 -5.10 -5.39 20.39
C ASP A 78 -4.89 -3.90 20.54
N ASN A 79 -4.47 -3.25 19.46
N ASN A 79 -4.42 -3.24 19.50
CA ASN A 79 -4.31 -1.81 19.43
CA ASN A 79 -4.30 -1.77 19.46
C ASN A 79 -4.46 -1.35 17.99
C ASN A 79 -4.35 -1.29 18.03
N VAL A 80 -5.04 -0.16 17.82
CA VAL A 80 -5.26 0.42 16.50
C VAL A 80 -4.94 1.91 16.56
N GLN A 81 -4.16 2.38 15.57
CA GLN A 81 -3.90 3.79 15.39
C GLN A 81 -4.56 4.25 14.09
N ILE A 82 -5.44 5.22 14.20
CA ILE A 82 -6.13 5.82 13.06
C ILE A 82 -5.45 7.15 12.77
N GLY A 83 -4.79 7.24 11.63
CA GLY A 83 -4.09 8.43 11.25
C GLY A 83 -2.73 8.57 11.87
N MET A 84 -2.00 9.55 11.35
CA MET A 84 -0.62 9.86 11.75
CA MET A 84 -0.62 9.79 11.78
C MET A 84 -0.52 10.96 12.80
N GLY A 85 -1.64 11.64 13.08
CA GLY A 85 -1.63 12.81 13.98
C GLY A 85 -1.18 14.10 13.31
N ILE A 86 -1.15 14.11 11.99
CA ILE A 86 -0.85 15.31 11.23
C ILE A 86 -2.11 15.66 10.48
N GLU A 87 -2.76 16.75 10.90
CA GLU A 87 -4.08 17.10 10.40
C GLU A 87 -4.13 17.18 8.87
N GLU A 88 -3.14 17.84 8.27
CA GLU A 88 -3.12 18.05 6.82
C GLU A 88 -3.31 16.76 6.04
N PHE A 89 -2.66 15.69 6.50
CA PHE A 89 -2.67 14.43 5.79
C PHE A 89 -3.82 13.56 6.28
N ASP A 90 -4.08 13.60 7.58
CA ASP A 90 -5.16 12.81 8.15
C ASP A 90 -6.54 13.19 7.64
N ARG A 91 -6.73 14.43 7.22
CA ARG A 91 -8.00 14.82 6.61
C ARG A 91 -8.22 14.05 5.32
N GLU A 92 -7.16 13.44 4.77
CA GLU A 92 -7.26 12.69 3.52
C GLU A 92 -7.35 11.18 3.68
N GLY A 93 -7.28 10.66 4.91
CA GLY A 93 -7.46 9.21 5.12
C GLY A 93 -6.39 8.35 4.48
N ARG A 94 -5.18 8.44 5.01
CA ARG A 94 -4.01 7.81 4.36
C ARG A 94 -3.21 6.82 5.19
N PHE A 95 -3.56 6.61 6.46
CA PHE A 95 -2.73 5.77 7.36
C PHE A 95 -3.57 5.12 8.43
N VAL A 96 -3.48 3.78 8.49
CA VAL A 96 -4.06 2.98 9.60
C VAL A 96 -3.02 1.97 10.02
N ARG A 97 -2.89 1.79 11.32
CA ARG A 97 -1.95 0.81 11.89
C ARG A 97 -2.69 -0.11 12.83
N CYS A 98 -2.51 -1.41 12.64
CA CYS A 98 -3.09 -2.42 13.54
C CYS A 98 -1.99 -3.27 14.16
N ASP A 99 -2.06 -3.43 15.47
CA ASP A 99 -1.09 -4.21 16.25
C ASP A 99 -1.68 -5.53 16.73
N PHE A 100 -0.89 -6.58 16.62
CA PHE A 100 -1.25 -7.92 17.07
C PHE A 100 -0.06 -8.45 17.84
N GLY A 101 -0.07 -8.30 19.16
CA GLY A 101 1.12 -8.60 19.94
C GLY A 101 2.26 -7.73 19.44
N ARG A 102 3.36 -8.37 19.05
CA ARG A 102 4.53 -7.66 18.57
C ARG A 102 4.55 -7.41 17.06
N LEU A 103 3.48 -7.80 16.38
CA LEU A 103 3.30 -7.53 14.95
C LEU A 103 2.51 -6.24 14.76
N SER A 104 2.95 -5.42 13.81
CA SER A 104 2.16 -4.28 13.36
C SER A 104 2.08 -4.31 11.86
N VAL A 105 0.89 -4.05 11.35
CA VAL A 105 0.69 -3.89 9.93
C VAL A 105 0.00 -2.56 9.65
N ILE A 106 0.54 -1.84 8.68
N ILE A 106 0.55 -1.81 8.68
CA ILE A 106 0.03 -0.54 8.26
CA ILE A 106 0.08 -0.48 8.30
C ILE A 106 -0.52 -0.64 6.86
C ILE A 106 -0.41 -0.48 6.86
N SER A 107 -1.59 0.11 6.63
CA SER A 107 -2.07 0.40 5.28
C SER A 107 -1.83 1.88 5.02
N LEU A 108 -1.07 2.17 3.95
CA LEU A 108 -0.59 3.50 3.61
C LEU A 108 -0.98 3.86 2.19
N TYR A 109 -1.54 5.06 2.01
CA TYR A 109 -1.82 5.59 0.69
C TYR A 109 -1.08 6.91 0.58
N LEU A 110 0.09 6.86 -0.06
CA LEU A 110 0.96 8.03 -0.19
C LEU A 110 0.41 8.96 -1.28
N PRO A 111 0.38 10.28 -1.06
CA PRO A 111 -0.18 11.18 -2.06
C PRO A 111 0.46 11.06 -3.43
N SER A 112 -0.34 11.14 -4.49
CA SER A 112 0.18 11.21 -5.85
C SER A 112 0.46 12.66 -6.20
N GLY A 113 1.43 12.87 -7.07
CA GLY A 113 1.84 14.21 -7.47
C GLY A 113 1.60 14.58 -8.91
N SER A 114 1.13 13.65 -9.74
CA SER A 114 1.07 13.92 -11.18
C SER A 114 -0.01 14.91 -11.59
N SER A 115 -0.95 15.18 -10.69
CA SER A 115 -2.10 16.02 -11.06
C SER A 115 -1.69 17.48 -11.22
N ALA A 116 -0.83 17.95 -10.33
CA ALA A 116 -0.50 19.38 -10.29
C ALA A 116 0.70 19.61 -9.37
N GLU A 117 1.41 20.72 -9.54
CA GLU A 117 2.58 21.03 -8.70
C GLU A 117 2.20 21.15 -7.22
N GLU A 118 1.04 21.71 -6.91
CA GLU A 118 0.58 21.74 -5.51
C GLU A 118 0.54 20.36 -4.88
N ARG A 119 0.10 19.36 -5.65
CA ARG A 119 0.00 18.03 -5.09
C ARG A 119 1.38 17.38 -5.05
N GLN A 120 2.26 17.70 -6.00
CA GLN A 120 3.64 17.22 -5.89
C GLN A 120 4.26 17.79 -4.62
N GLN A 121 3.95 19.04 -4.30
N GLN A 121 3.93 19.02 -4.28
CA GLN A 121 4.44 19.62 -3.05
CA GLN A 121 4.46 19.63 -3.07
C GLN A 121 3.87 18.94 -1.81
C GLN A 121 3.86 19.01 -1.79
N VAL A 122 2.58 18.66 -1.81
CA VAL A 122 1.97 17.87 -0.71
C VAL A 122 2.70 16.53 -0.59
N LYS A 123 2.97 15.87 -1.73
CA LYS A 123 3.63 14.60 -1.72
C LYS A 123 5.01 14.72 -1.07
N TYR A 124 5.78 15.73 -1.46
CA TYR A 124 7.09 15.93 -0.83
C TYR A 124 6.98 16.24 0.66
N ARG A 125 6.01 17.06 1.06
CA ARG A 125 5.81 17.30 2.49
CA ARG A 125 5.77 17.30 2.49
C ARG A 125 5.42 16.01 3.23
N PHE A 126 4.62 15.14 2.59
CA PHE A 126 4.31 13.85 3.20
C PHE A 126 5.55 12.98 3.39
N LEU A 127 6.39 12.91 2.37
CA LEU A 127 7.63 12.18 2.48
C LEU A 127 8.46 12.66 3.68
N ASP A 128 8.54 13.99 3.85
CA ASP A 128 9.36 14.52 4.94
C ASP A 128 8.76 14.28 6.30
N ALA A 129 7.43 14.27 6.40
CA ALA A 129 6.74 13.97 7.67
C ALA A 129 6.75 12.50 8.01
N PHE A 130 6.70 11.66 6.97
CA PHE A 130 6.60 10.23 7.18
C PHE A 130 7.96 9.57 7.44
N TYR A 131 9.04 10.08 6.84
CA TYR A 131 10.36 9.50 7.07
C TYR A 131 10.74 9.33 8.56
N PRO A 132 10.59 10.39 9.39
CA PRO A 132 10.89 10.18 10.81
C PRO A 132 9.98 9.17 11.53
N MET A 133 8.76 8.99 11.03
CA MET A 133 7.86 7.96 11.56
C MET A 133 8.39 6.57 11.19
N LEU A 134 8.85 6.41 9.97
CA LEU A 134 9.49 5.17 9.54
C LEU A 134 10.75 4.86 10.36
N GLU A 135 11.51 5.91 10.68
CA GLU A 135 12.69 5.76 11.50
C GLU A 135 12.31 5.31 12.91
N ALA A 136 11.35 5.98 13.51
CA ALA A 136 10.89 5.62 14.84
C ALA A 136 10.31 4.22 14.88
N MET A 137 9.52 3.88 13.87
CA MET A 137 8.93 2.55 13.78
C MET A 137 10.02 1.47 13.73
N LYS A 138 11.05 1.68 12.90
CA LYS A 138 12.17 0.73 12.76
C LYS A 138 12.86 0.56 14.11
N ASN A 139 12.92 1.63 14.89
CA ASN A 139 13.60 1.58 16.18
C ASN A 139 12.76 0.98 17.30
N GLU A 140 11.48 0.73 17.06
CA GLU A 140 10.65 0.06 18.07
C GLU A 140 11.14 -1.35 18.41
N GLY A 141 11.79 -2.02 17.44
CA GLY A 141 12.24 -3.39 17.63
C GLY A 141 11.17 -4.44 17.48
N ARG A 142 10.00 -4.01 17.02
CA ARG A 142 8.84 -4.87 16.77
C ARG A 142 8.86 -5.35 15.31
N ASP A 143 7.96 -6.25 14.99
CA ASP A 143 7.82 -6.76 13.64
C ASP A 143 6.80 -5.93 12.92
N ILE A 144 7.19 -5.25 11.84
CA ILE A 144 6.28 -4.32 11.17
C ILE A 144 6.29 -4.50 9.67
N VAL A 145 5.09 -4.52 9.09
CA VAL A 145 4.92 -4.49 7.64
C VAL A 145 4.17 -3.22 7.30
N VAL A 146 4.79 -2.35 6.49
CA VAL A 146 4.12 -1.16 5.97
C VAL A 146 3.69 -1.47 4.54
N CYS A 147 2.41 -1.77 4.37
CA CYS A 147 1.80 -2.08 3.10
C CYS A 147 1.26 -0.82 2.47
N GLY A 148 1.40 -0.70 1.16
CA GLY A 148 0.50 0.19 0.47
C GLY A 148 1.00 0.68 -0.84
N ASP A 149 0.38 1.77 -1.27
CA ASP A 149 0.65 2.41 -2.53
C ASP A 149 1.51 3.61 -2.19
N TRP A 150 2.80 3.50 -2.51
CA TRP A 150 3.79 4.51 -2.17
C TRP A 150 3.96 5.51 -3.30
N ASN A 151 3.38 5.23 -4.46
CA ASN A 151 3.37 6.19 -5.59
C ASN A 151 4.77 6.59 -6.05
N ILE A 152 5.74 5.69 -5.83
CA ILE A 152 7.12 5.91 -6.28
C ILE A 152 7.67 4.58 -6.77
N ALA A 153 8.23 4.55 -7.98
CA ALA A 153 9.02 3.44 -8.50
C ALA A 153 10.49 3.75 -8.20
N HIS A 154 11.22 2.75 -7.72
CA HIS A 154 12.55 3.01 -7.19
C HIS A 154 13.66 3.07 -8.25
N GLN A 155 13.74 2.04 -9.08
CA GLN A 155 14.85 1.83 -10.03
CA GLN A 155 14.84 1.91 -10.03
C GLN A 155 14.29 1.60 -11.42
N ASN A 156 15.16 1.56 -12.42
CA ASN A 156 14.72 1.37 -13.81
C ASN A 156 13.89 0.10 -13.98
N ILE A 157 14.31 -0.96 -13.29
CA ILE A 157 13.59 -2.24 -13.34
C ILE A 157 12.13 -2.15 -12.89
N ASP A 158 11.82 -1.14 -12.11
CA ASP A 158 10.49 -1.01 -11.49
C ASP A 158 9.41 -0.37 -12.37
N LEU A 159 9.75 0.03 -13.60
CA LEU A 159 8.72 0.46 -14.54
C LEU A 159 9.13 0.20 -15.98
N LYS A 160 8.12 0.09 -16.84
CA LYS A 160 8.34 -0.26 -18.24
CA LYS A 160 8.36 -0.26 -18.23
C LYS A 160 9.08 0.87 -18.96
N ASN A 161 8.61 2.10 -18.79
CA ASN A 161 9.20 3.24 -19.52
C ASN A 161 9.99 4.11 -18.57
N TRP A 162 11.13 3.61 -18.14
CA TRP A 162 11.99 4.39 -17.27
C TRP A 162 12.65 5.53 -18.04
N LYS A 163 12.89 5.34 -19.33
CA LYS A 163 13.56 6.35 -20.13
C LYS A 163 12.75 7.64 -20.23
N GLY A 164 11.43 7.51 -20.30
CA GLY A 164 10.54 8.62 -20.56
C GLY A 164 9.78 9.19 -19.39
N ASN A 165 10.06 8.68 -18.19
CA ASN A 165 9.33 9.09 -16.99
C ASN A 165 10.17 9.78 -15.92
N GLN A 166 11.40 10.16 -16.24
CA GLN A 166 12.27 10.72 -15.21
C GLN A 166 11.91 12.14 -14.76
N LYS A 167 11.02 12.79 -15.50
CA LYS A 167 10.47 14.11 -15.10
C LYS A 167 9.04 14.02 -14.63
N ASN A 168 8.54 12.80 -14.43
CA ASN A 168 7.14 12.62 -14.02
C ASN A 168 7.03 12.07 -12.62
N SER A 169 6.01 12.55 -11.91
CA SER A 169 5.78 12.13 -10.53
CA SER A 169 5.77 12.12 -10.53
C SER A 169 5.65 10.61 -10.48
N GLY A 170 6.35 10.02 -9.52
CA GLY A 170 6.50 8.59 -9.44
C GLY A 170 7.87 8.10 -9.79
N PHE A 171 8.64 8.89 -10.55
CA PHE A 171 10.01 8.48 -10.93
C PHE A 171 10.94 9.67 -10.98
N LEU A 172 10.67 10.70 -10.18
CA LEU A 172 11.56 11.85 -10.05
C LEU A 172 12.79 11.47 -9.22
N PRO A 173 13.95 12.07 -9.54
CA PRO A 173 15.17 11.76 -8.83
C PRO A 173 15.03 11.86 -7.31
N GLU A 174 14.36 12.91 -6.83
CA GLU A 174 14.23 13.14 -5.40
CA GLU A 174 14.25 13.12 -5.40
C GLU A 174 13.36 12.07 -4.74
N GLU A 175 12.35 11.61 -5.47
CA GLU A 175 11.48 10.56 -4.97
C GLU A 175 12.19 9.22 -4.89
N ARG A 176 12.93 8.87 -5.93
CA ARG A 176 13.67 7.61 -5.97
C ARG A 176 14.72 7.61 -4.86
N GLU A 177 15.39 8.75 -4.67
CA GLU A 177 16.39 8.88 -3.61
CA GLU A 177 16.38 8.89 -3.61
C GLU A 177 15.75 8.64 -2.24
N TRP A 178 14.54 9.16 -2.05
CA TRP A 178 13.85 9.04 -0.79
C TRP A 178 13.55 7.57 -0.48
N ILE A 179 13.02 6.82 -1.45
CA ILE A 179 12.80 5.38 -1.26
C ILE A 179 14.10 4.67 -0.97
N GLY A 180 15.17 5.06 -1.69
CA GLY A 180 16.47 4.47 -1.44
C GLY A 180 16.96 4.67 -0.02
N LYS A 181 16.66 5.83 0.54
CA LYS A 181 17.04 6.12 1.94
C LYS A 181 16.21 5.27 2.93
N VAL A 182 14.92 5.14 2.66
CA VAL A 182 14.08 4.30 3.51
C VAL A 182 14.64 2.86 3.57
N ILE A 183 15.09 2.36 2.43
CA ILE A 183 15.70 1.03 2.36
C ILE A 183 17.11 1.01 2.97
N HIS A 184 18.02 1.84 2.46
CA HIS A 184 19.44 1.70 2.78
C HIS A 184 19.91 2.47 3.99
N LYS A 185 19.25 3.57 4.31
CA LYS A 185 19.63 4.38 5.48
C LYS A 185 18.85 3.92 6.71
N LEU A 186 17.55 3.77 6.55
CA LEU A 186 16.73 3.33 7.67
C LEU A 186 16.73 1.81 7.85
N GLY A 187 17.01 1.06 6.79
CA GLY A 187 17.12 -0.39 6.89
C GLY A 187 15.82 -1.15 6.73
N TRP A 188 14.82 -0.50 6.15
CA TRP A 188 13.60 -1.25 5.75
C TRP A 188 13.90 -2.14 4.54
N THR A 189 13.22 -3.29 4.48
CA THR A 189 13.38 -4.21 3.36
C THR A 189 12.20 -4.06 2.41
N ASP A 190 12.50 -3.82 1.14
CA ASP A 190 11.51 -3.82 0.06
C ASP A 190 11.30 -5.30 -0.25
N MET A 191 10.20 -5.85 0.22
CA MET A 191 10.10 -7.31 0.30
C MET A 191 10.13 -7.96 -1.08
N TRP A 192 9.43 -7.37 -2.04
CA TRP A 192 9.40 -7.92 -3.39
C TRP A 192 10.79 -7.96 -4.00
N ARG A 193 11.50 -6.84 -3.92
CA ARG A 193 12.79 -6.73 -4.61
C ARG A 193 13.82 -7.61 -3.94
N THR A 194 13.68 -7.81 -2.63
CA THR A 194 14.58 -8.68 -1.90
C THR A 194 14.33 -10.14 -2.25
N LEU A 195 13.06 -10.53 -2.30
CA LEU A 195 12.72 -11.91 -2.67
C LEU A 195 13.11 -12.26 -4.10
N TYR A 196 12.88 -11.32 -5.03
CA TYR A 196 13.03 -11.58 -6.47
C TYR A 196 13.79 -10.44 -7.12
N PRO A 197 15.11 -10.39 -6.93
CA PRO A 197 15.93 -9.29 -7.40
C PRO A 197 15.75 -8.88 -8.86
N ASP A 198 15.47 -9.84 -9.73
CA ASP A 198 15.44 -9.60 -11.18
C ASP A 198 14.07 -9.60 -11.78
N VAL A 199 13.03 -9.64 -10.95
CA VAL A 199 11.67 -9.77 -11.47
C VAL A 199 10.96 -8.42 -11.29
N PRO A 200 10.60 -7.75 -12.40
CA PRO A 200 10.07 -6.39 -12.27
C PRO A 200 8.95 -6.24 -11.23
N GLY A 201 7.90 -7.05 -11.33
CA GLY A 201 6.83 -7.03 -10.36
C GLY A 201 5.93 -5.81 -10.40
N TYR A 202 5.61 -5.32 -11.60
CA TYR A 202 4.71 -4.17 -11.72
C TYR A 202 3.39 -4.46 -11.00
N THR A 203 2.84 -3.41 -10.40
CA THR A 203 1.60 -3.47 -9.63
C THR A 203 0.55 -2.46 -10.09
N TRP A 204 0.88 -1.59 -11.05
CA TRP A 204 -0.05 -0.57 -11.55
C TRP A 204 0.12 -0.33 -13.03
N TRP A 205 -1.01 -0.15 -13.71
CA TRP A 205 -1.07 0.23 -15.12
C TRP A 205 -2.20 1.24 -15.22
N SER A 206 -2.08 2.25 -16.08
CA SER A 206 -3.04 3.35 -16.01
C SER A 206 -4.47 3.03 -16.42
N ASN A 207 -4.68 1.96 -17.19
CA ASN A 207 -6.03 1.51 -17.51
C ASN A 207 -5.98 0.01 -17.80
N ARG A 208 -7.14 -0.61 -17.96
CA ARG A 208 -7.23 -2.04 -18.22
C ARG A 208 -7.27 -2.32 -19.73
N GLY A 209 -7.09 -1.28 -20.53
CA GLY A 209 -7.03 -1.39 -21.98
C GLY A 209 -5.60 -1.57 -22.45
N GLN A 210 -5.19 -0.73 -23.40
N GLN A 210 -5.15 -0.73 -23.38
CA GLN A 210 -3.85 -0.76 -24.00
CA GLN A 210 -3.83 -0.92 -23.97
C GLN A 210 -2.74 -0.80 -22.95
C GLN A 210 -2.67 -0.72 -23.00
N ALA A 211 -2.87 0.04 -21.93
CA ALA A 211 -1.81 0.19 -20.93
C ALA A 211 -1.52 -1.14 -20.25
N TYR A 212 -2.58 -1.87 -19.96
CA TYR A 212 -2.42 -3.19 -19.36
C TYR A 212 -2.00 -4.24 -20.38
N ALA A 213 -2.64 -4.25 -21.54
CA ALA A 213 -2.35 -5.24 -22.57
C ALA A 213 -0.89 -5.18 -23.02
N LYS A 214 -0.33 -3.97 -23.05
CA LYS A 214 1.05 -3.75 -23.48
CA LYS A 214 1.04 -3.77 -23.48
C LYS A 214 2.00 -3.67 -22.29
N ASP A 215 1.49 -3.97 -21.09
CA ASP A 215 2.31 -4.06 -19.88
C ASP A 215 3.13 -2.81 -19.61
N VAL A 216 2.50 -1.64 -19.76
CA VAL A 216 3.11 -0.35 -19.43
C VAL A 216 2.93 -0.12 -17.93
N GLY A 217 3.66 -0.92 -17.15
CA GLY A 217 3.43 -0.98 -15.73
C GLY A 217 4.47 -0.26 -14.89
N TRP A 218 4.09 -0.06 -13.63
CA TRP A 218 4.96 0.48 -12.63
C TRP A 218 4.82 -0.34 -11.37
N ARG A 219 5.92 -0.56 -10.65
CA ARG A 219 5.85 -1.16 -9.32
C ARG A 219 5.85 -0.02 -8.30
N ILE A 220 4.66 0.38 -7.87
CA ILE A 220 4.49 1.47 -6.90
C ILE A 220 3.86 1.02 -5.58
N ASP A 221 3.47 -0.26 -5.50
CA ASP A 221 2.93 -0.86 -4.28
C ASP A 221 4.01 -1.71 -3.67
N TYR A 222 4.12 -1.64 -2.34
CA TYR A 222 5.20 -2.29 -1.61
C TYR A 222 4.70 -2.93 -0.33
N GLN A 223 5.46 -3.91 0.14
CA GLN A 223 5.48 -4.28 1.57
C GLN A 223 6.88 -3.99 2.07
N MET A 224 7.01 -2.93 2.89
CA MET A 224 8.28 -2.60 3.52
C MET A 224 8.31 -3.25 4.89
N VAL A 225 9.38 -3.99 5.19
CA VAL A 225 9.37 -4.89 6.34
C VAL A 225 10.63 -4.70 7.21
N THR A 226 10.45 -4.87 8.52
CA THR A 226 11.56 -4.85 9.50
C THR A 226 12.44 -6.09 9.31
N PRO A 227 13.69 -6.05 9.82
CA PRO A 227 14.67 -7.09 9.45
C PRO A 227 14.34 -8.54 9.81
N GLU A 228 13.90 -8.81 11.04
CA GLU A 228 13.74 -10.20 11.43
C GLU A 228 12.55 -10.81 10.70
N LEU A 229 11.49 -10.02 10.55
CA LEU A 229 10.33 -10.51 9.81
C LEU A 229 10.64 -10.67 8.31
N ALA A 230 11.46 -9.79 7.75
CA ALA A 230 11.85 -9.90 6.34
C ALA A 230 12.52 -11.25 6.08
N ALA A 231 13.34 -11.69 7.03
CA ALA A 231 14.03 -12.99 6.94
C ALA A 231 13.07 -14.19 7.01
N LYS A 232 11.83 -13.93 7.38
CA LYS A 232 10.79 -14.95 7.47
C LYS A 232 9.89 -15.02 6.22
N ALA A 233 10.04 -14.07 5.30
CA ALA A 233 9.28 -14.08 4.05
C ALA A 233 9.69 -15.27 3.22
N VAL A 234 8.70 -16.07 2.79
CA VAL A 234 8.96 -17.27 2.00
C VAL A 234 8.60 -17.18 0.52
N SER A 235 7.65 -16.32 0.19
CA SER A 235 7.25 -16.14 -1.19
C SER A 235 6.37 -14.93 -1.35
N ALA A 236 6.20 -14.50 -2.59
CA ALA A 236 5.29 -13.41 -2.90
C ALA A 236 4.81 -13.56 -4.33
N HIS A 237 3.69 -12.91 -4.64
CA HIS A 237 3.23 -12.80 -6.01
C HIS A 237 2.38 -11.56 -6.19
N VAL A 238 2.33 -11.10 -7.45
CA VAL A 238 1.40 -10.07 -7.87
C VAL A 238 0.22 -10.78 -8.50
N TYR A 239 -0.96 -10.64 -7.91
CA TYR A 239 -2.10 -11.42 -8.34
C TYR A 239 -2.77 -10.78 -9.56
N LYS A 240 -2.79 -11.54 -10.66
CA LYS A 240 -3.31 -11.05 -11.92
C LYS A 240 -4.32 -11.97 -12.60
N ASP A 241 -4.80 -12.98 -11.90
CA ASP A 241 -5.74 -13.93 -12.52
C ASP A 241 -7.11 -13.28 -12.71
N GLU A 242 -7.41 -12.28 -11.88
CA GLU A 242 -8.60 -11.44 -12.02
C GLU A 242 -8.13 -10.01 -11.90
N LYS A 243 -8.95 -9.08 -12.38
CA LYS A 243 -8.64 -7.66 -12.38
C LYS A 243 -9.73 -6.92 -11.60
N PHE A 244 -9.32 -6.28 -10.50
CA PHE A 244 -10.23 -5.61 -9.57
C PHE A 244 -10.09 -4.10 -9.55
N SER A 245 -9.06 -3.60 -10.21
CA SER A 245 -8.57 -2.27 -9.96
C SER A 245 -7.52 -1.98 -11.02
N ASP A 246 -7.06 -0.74 -11.11
CA ASP A 246 -5.89 -0.42 -11.95
C ASP A 246 -4.58 -0.93 -11.34
N HIS A 247 -4.60 -1.27 -10.05
CA HIS A 247 -3.49 -1.96 -9.42
C HIS A 247 -3.79 -3.44 -9.32
N ALA A 248 -2.74 -4.24 -9.17
CA ALA A 248 -2.86 -5.66 -8.81
C ALA A 248 -2.52 -5.88 -7.34
N PRO A 249 -3.21 -6.80 -6.65
CA PRO A 249 -2.82 -7.12 -5.26
C PRO A 249 -1.43 -7.68 -5.15
N LEU A 250 -0.70 -7.23 -4.14
CA LEU A 250 0.63 -7.70 -3.80
C LEU A 250 0.53 -8.60 -2.59
N VAL A 251 0.85 -9.89 -2.78
CA VAL A 251 0.66 -10.90 -1.75
C VAL A 251 2.01 -11.39 -1.27
N VAL A 252 2.22 -11.40 0.04
CA VAL A 252 3.48 -11.93 0.61
C VAL A 252 3.13 -12.91 1.71
N GLU A 253 3.85 -14.04 1.74
CA GLU A 253 3.68 -15.06 2.76
C GLU A 253 4.88 -15.07 3.68
N TYR A 254 4.62 -14.98 4.99
CA TYR A 254 5.66 -14.94 6.00
C TYR A 254 5.54 -16.14 6.93
N ASP A 255 6.67 -16.76 7.24
CA ASP A 255 6.69 -17.85 8.22
C ASP A 255 6.73 -17.21 9.60
N TYR A 256 5.54 -16.81 10.06
CA TYR A 256 5.40 -15.96 11.25
C TYR A 256 4.01 -16.08 11.85
N ALA A 257 3.96 -16.03 13.18
CA ALA A 257 2.74 -15.83 13.94
C ALA A 257 3.02 -14.94 15.14
N ALA A 258 1.98 -14.25 15.61
CA ALA A 258 2.11 -13.31 16.71
C ALA A 258 1.97 -13.97 18.08
N GLU A 259 1.80 -15.28 18.09
CA GLU A 259 1.76 -16.08 19.32
C GLU A 259 2.43 -17.41 19.05
#